data_5SOV
#
_entry.id   5SOV
#
_cell.length_a   88.823
_cell.length_b   88.823
_cell.length_c   39.525
_cell.angle_alpha   90.000
_cell.angle_beta   90.000
_cell.angle_gamma   90.000
#
_symmetry.space_group_name_H-M   'P 43'
#
loop_
_entity.id
_entity.type
_entity.pdbx_description
1 polymer 'Non-structural protein 3'
2 non-polymer 5-ethyl-4-[(3S)-3-(methylsulfonyl)piperidin-1-yl]-7H-pyrrolo[2,3-d]pyrimidine
3 non-polymer 5-ethyl-4-[(3R)-3-(methylsulfonyl)piperidin-1-yl]-7H-pyrrolo[2,3-d]pyrimidine
4 water water
#
_entity_poly.entity_id   1
_entity_poly.type   'polypeptide(L)'
_entity_poly.pdbx_seq_one_letter_code
;SMVNSFSGYLKLTDNVYIKNADIVEEAKKVKPTVVVNAANVYLKHGGGVAGALNKATNNAMQVESDDYIATNGPLKVGGS
CVLSGHNLAKHCLHVVGPNVNKGEDIQLLKSAYENFNQHEVLLAPLLSAGIFGADPIHSLRVCVDTVRTNVYLAVFDKNL
YDKLVSSFL
;
_entity_poly.pdbx_strand_id   A,B
#
loop_
_chem_comp.id
_chem_comp.type
_chem_comp.name
_chem_comp.formula
WXA non-polymer 5-ethyl-4-[(3R)-3-(methylsulfonyl)piperidin-1-yl]-7H-pyrrolo[2,3-d]pyrimidine 'C14 H20 N4 O2 S'
WXD non-polymer 5-ethyl-4-[(3S)-3-(methylsulfonyl)piperidin-1-yl]-7H-pyrrolo[2,3-d]pyrimidine 'C14 H20 N4 O2 S'
#
# COMPACT_ATOMS: atom_id res chain seq x y z
N VAL A 3 -19.27 -7.06 -13.52
CA VAL A 3 -18.63 -7.95 -14.50
C VAL A 3 -17.37 -7.27 -15.06
N ASN A 4 -16.27 -8.01 -15.20
CA ASN A 4 -15.07 -7.51 -15.85
C ASN A 4 -14.57 -8.51 -16.90
N SER A 5 -13.44 -8.17 -17.57
N SER A 5 -13.55 -8.11 -17.64
CA SER A 5 -12.96 -8.86 -18.76
CA SER A 5 -13.01 -8.81 -18.81
C SER A 5 -11.96 -9.93 -18.44
C SER A 5 -11.97 -9.88 -18.46
N PHE A 6 -11.60 -10.05 -17.20
CA PHE A 6 -10.61 -11.08 -16.84
C PHE A 6 -11.22 -12.48 -17.10
N SER A 7 -10.42 -13.43 -17.68
N SER A 7 -10.51 -13.26 -17.92
CA SER A 7 -10.96 -14.72 -18.13
CA SER A 7 -10.98 -14.57 -18.34
C SER A 7 -10.05 -15.88 -17.68
C SER A 7 -9.99 -15.65 -17.91
N GLY A 8 -10.67 -17.02 -17.34
N GLY A 8 -10.53 -16.80 -17.51
CA GLY A 8 -9.91 -18.21 -17.04
CA GLY A 8 -9.71 -17.95 -17.16
C GLY A 8 -9.28 -18.28 -15.67
C GLY A 8 -9.11 -17.91 -15.77
N TYR A 9 -9.67 -17.39 -14.75
N TYR A 9 -9.51 -16.95 -14.93
CA TYR A 9 -9.10 -17.37 -13.41
CA TYR A 9 -8.96 -16.94 -13.57
C TYR A 9 -9.85 -18.34 -12.51
C TYR A 9 -9.81 -17.83 -12.66
N LEU A 10 -9.09 -18.95 -11.59
N LEU A 10 -9.15 -18.47 -11.70
CA LEU A 10 -9.65 -19.74 -10.50
CA LEU A 10 -9.85 -19.21 -10.67
C LEU A 10 -9.92 -18.76 -9.35
C LEU A 10 -10.22 -18.28 -9.52
N LYS A 11 -11.09 -18.90 -8.73
N LYS A 11 -11.34 -18.58 -8.85
CA LYS A 11 -11.49 -18.03 -7.63
CA LYS A 11 -11.75 -17.86 -7.64
C LYS A 11 -10.98 -18.63 -6.33
C LYS A 11 -11.17 -18.62 -6.45
N LEU A 12 -10.12 -17.89 -5.62
N LEU A 12 -10.25 -18.00 -5.70
CA LEU A 12 -9.63 -18.39 -4.34
CA LEU A 12 -9.71 -18.58 -4.47
C LEU A 12 -10.50 -17.93 -3.19
C LEU A 12 -10.45 -18.09 -3.22
N THR A 13 -10.91 -16.67 -3.19
N THR A 13 -10.91 -16.84 -3.22
CA THR A 13 -11.71 -16.10 -2.12
CA THR A 13 -11.72 -16.22 -2.13
C THR A 13 -12.72 -15.15 -2.76
C THR A 13 -12.73 -15.23 -2.75
N ASP A 14 -13.43 -14.45 -1.90
CA ASP A 14 -14.39 -13.44 -2.36
C ASP A 14 -13.76 -12.47 -3.32
N ASN A 15 -12.47 -12.11 -3.12
N ASN A 15 -12.47 -12.16 -3.11
CA ASN A 15 -11.88 -11.01 -3.89
CA ASN A 15 -11.79 -11.10 -3.83
C ASN A 15 -10.57 -11.36 -4.59
C ASN A 15 -10.45 -11.46 -4.47
N VAL A 16 -10.03 -12.56 -4.41
N VAL A 16 -9.94 -12.69 -4.31
CA VAL A 16 -8.74 -12.95 -4.97
CA VAL A 16 -8.65 -13.08 -4.92
C VAL A 16 -8.95 -14.07 -5.99
C VAL A 16 -8.88 -14.09 -6.03
N TYR A 17 -8.36 -13.88 -7.17
N TYR A 17 -8.26 -13.82 -7.20
CA TYR A 17 -8.43 -14.81 -8.29
CA TYR A 17 -8.38 -14.68 -8.38
C TYR A 17 -7.02 -15.07 -8.78
C TYR A 17 -6.99 -14.95 -8.95
N ILE A 18 -6.80 -16.24 -9.39
N ILE A 18 -6.78 -16.14 -9.54
CA ILE A 18 -5.45 -16.66 -9.78
CA ILE A 18 -5.45 -16.57 -9.96
C ILE A 18 -5.48 -17.40 -11.12
C ILE A 18 -5.53 -17.28 -11.32
N LYS A 19 -4.40 -17.26 -11.90
N LYS A 19 -4.53 -17.04 -12.16
CA LYS A 19 -4.31 -17.88 -13.21
CA LYS A 19 -4.46 -17.66 -13.50
C LYS A 19 -2.85 -18.11 -13.54
C LYS A 19 -3.02 -17.99 -13.86
N ASN A 20 -2.57 -19.22 -14.22
N ASN A 20 -2.86 -19.04 -14.70
CA ASN A 20 -1.25 -19.45 -14.81
CA ASN A 20 -1.54 -19.42 -15.23
C ASN A 20 -1.19 -18.61 -16.07
C ASN A 20 -1.38 -18.67 -16.55
N ALA A 21 -0.42 -17.53 -16.03
N ALA A 21 -0.83 -17.46 -16.49
CA ALA A 21 -0.37 -16.65 -17.19
CA ALA A 21 -0.77 -16.62 -17.67
C ALA A 21 0.85 -15.76 -17.09
C ALA A 21 0.40 -15.63 -17.57
N ASP A 22 1.31 -15.32 -18.27
N ASP A 22 0.69 -15.00 -18.71
CA ASP A 22 2.35 -14.32 -18.39
CA ASP A 22 1.72 -13.98 -18.83
C ASP A 22 1.71 -12.95 -18.21
C ASP A 22 1.10 -12.61 -18.52
N ILE A 23 2.10 -12.23 -17.14
N ILE A 23 1.60 -11.95 -17.46
CA ILE A 23 1.44 -10.98 -16.82
CA ILE A 23 0.98 -10.70 -16.99
C ILE A 23 1.56 -9.98 -17.97
C ILE A 23 0.98 -9.64 -18.09
N VAL A 24 2.64 -10.06 -18.75
N VAL A 24 2.03 -9.60 -18.92
CA VAL A 24 2.79 -9.18 -19.91
CA VAL A 24 2.02 -8.70 -20.07
C VAL A 24 1.71 -9.48 -20.93
C VAL A 24 0.91 -9.08 -21.05
N GLU A 25 1.52 -10.75 -21.26
N GLU A 25 0.73 -10.39 -21.30
CA GLU A 25 0.50 -11.14 -22.24
CA GLU A 25 -0.32 -10.82 -22.23
C GLU A 25 -0.89 -10.84 -21.71
C GLU A 25 -1.71 -10.55 -21.64
N GLU A 26 -1.11 -11.08 -20.42
N GLU A 26 -1.87 -10.75 -20.34
CA GLU A 26 -2.42 -10.80 -19.84
CA GLU A 26 -3.13 -10.41 -19.67
C GLU A 26 -2.72 -9.31 -19.87
C GLU A 26 -3.39 -8.91 -19.79
N ALA A 27 -1.73 -8.48 -19.55
N ALA A 27 -2.36 -8.11 -19.59
CA ALA A 27 -1.96 -7.04 -19.58
CA ALA A 27 -2.47 -6.67 -19.73
C ALA A 27 -2.29 -6.57 -20.98
C ALA A 27 -2.62 -6.28 -21.20
N LYS A 28 -1.55 -7.07 -21.98
N LYS A 28 -1.81 -6.87 -22.09
CA LYS A 28 -1.79 -6.66 -23.37
CA LYS A 28 -2.02 -6.55 -23.51
C LYS A 28 -3.19 -7.02 -23.82
C LYS A 28 -3.43 -6.92 -23.96
N LYS A 29 -3.74 -8.13 -23.33
N LYS A 29 -3.98 -8.01 -23.41
CA LYS A 29 -5.05 -8.58 -23.77
CA LYS A 29 -5.33 -8.47 -23.76
C LYS A 29 -6.17 -7.88 -23.01
C LYS A 29 -6.43 -7.66 -23.06
N VAL A 30 -6.02 -7.71 -21.70
N VAL A 30 -6.30 -7.45 -21.75
CA VAL A 30 -7.08 -7.14 -20.87
CA VAL A 30 -7.36 -6.86 -20.92
C VAL A 30 -7.07 -5.61 -20.89
C VAL A 30 -7.26 -5.33 -20.89
N LYS A 31 -5.88 -5.00 -20.93
N LYS A 31 -6.06 -4.76 -21.00
CA LYS A 31 -5.74 -3.55 -20.79
CA LYS A 31 -5.83 -3.34 -20.79
C LYS A 31 -6.44 -3.05 -19.50
C LYS A 31 -6.45 -2.92 -19.45
N PRO A 32 -6.05 -3.55 -18.35
CA PRO A 32 -6.69 -3.23 -17.08
C PRO A 32 -6.42 -1.79 -16.68
N THR A 33 -7.27 -1.27 -15.81
CA THR A 33 -7.04 0.04 -15.23
C THR A 33 -5.69 0.09 -14.52
N VAL A 34 -5.33 -0.97 -13.79
CA VAL A 34 -4.08 -1.03 -13.04
C VAL A 34 -3.38 -2.36 -13.26
N VAL A 35 -2.13 -2.31 -13.70
CA VAL A 35 -1.20 -3.44 -13.64
C VAL A 35 -0.17 -3.13 -12.58
N VAL A 36 0.12 -4.12 -11.73
CA VAL A 36 1.14 -3.98 -10.69
C VAL A 36 2.48 -4.44 -11.21
N ASN A 37 3.52 -3.63 -10.98
CA ASN A 37 4.90 -4.01 -11.23
C ASN A 37 5.56 -4.41 -9.91
N ALA A 38 6.36 -5.47 -9.98
CA ALA A 38 7.26 -5.90 -8.91
C ALA A 38 8.53 -5.05 -8.96
N ALA A 39 8.42 -3.85 -8.41
CA ALA A 39 9.46 -2.83 -8.52
C ALA A 39 10.49 -2.96 -7.40
N ASN A 40 11.63 -2.30 -7.61
CA ASN A 40 12.58 -2.00 -6.55
C ASN A 40 12.56 -0.49 -6.27
N VAL A 41 13.25 -0.08 -5.19
CA VAL A 41 13.14 1.30 -4.73
C VAL A 41 13.69 2.29 -5.72
N TYR A 42 14.57 1.86 -6.61
CA TYR A 42 15.17 2.73 -7.63
C TYR A 42 14.40 2.73 -8.94
N LEU A 43 13.32 1.94 -9.01
CA LEU A 43 12.59 1.72 -10.27
C LEU A 43 13.54 1.38 -11.41
N LYS A 44 14.51 0.52 -11.12
CA LYS A 44 15.43 -0.02 -12.13
C LYS A 44 14.86 -1.36 -12.57
N HIS A 45 14.22 -1.40 -13.72
N HIS A 45 14.29 -1.38 -13.78
CA HIS A 45 13.42 -2.55 -14.13
CA HIS A 45 13.62 -2.56 -14.29
C HIS A 45 14.27 -3.50 -14.97
C HIS A 45 14.58 -3.37 -15.18
N GLY A 46 15.18 -4.22 -14.29
N GLY A 46 15.57 -4.01 -14.54
CA GLY A 46 16.18 -5.00 -14.98
CA GLY A 46 16.58 -4.80 -15.25
C GLY A 46 15.79 -6.42 -15.34
C GLY A 46 16.17 -6.24 -15.55
N GLY A 47 15.00 -7.07 -14.48
N GLY A 47 15.42 -6.88 -14.64
CA GLY A 47 14.74 -8.49 -14.61
CA GLY A 47 15.07 -8.28 -14.78
C GLY A 47 13.44 -8.85 -13.91
C GLY A 47 13.78 -8.59 -14.06
N GLY A 48 13.15 -10.15 -13.90
N GLY A 48 13.38 -9.88 -14.09
CA GLY A 48 11.91 -10.61 -13.31
CA GLY A 48 12.15 -10.29 -13.41
C GLY A 48 10.72 -9.96 -14.00
C GLY A 48 10.93 -9.65 -14.06
N VAL A 49 9.65 -9.81 -13.24
N VAL A 49 9.85 -9.56 -13.26
CA VAL A 49 8.43 -9.18 -13.76
CA VAL A 49 8.61 -8.94 -13.76
C VAL A 49 8.73 -7.78 -14.29
C VAL A 49 8.89 -7.52 -14.26
N ALA A 50 9.53 -7.01 -13.53
N ALA A 50 9.66 -6.73 -13.49
CA ALA A 50 9.79 -5.63 -13.92
CA ALA A 50 9.94 -5.35 -13.86
C ALA A 50 10.51 -5.56 -15.26
C ALA A 50 10.67 -5.29 -15.20
N GLY A 51 11.55 -6.39 -15.44
N GLY A 51 11.71 -6.12 -15.36
CA GLY A 51 12.25 -6.40 -16.71
CA GLY A 51 12.44 -6.15 -16.62
C GLY A 51 11.33 -6.74 -17.86
C GLY A 51 11.55 -6.54 -17.78
N ALA A 52 10.42 -7.69 -17.63
N ALA A 52 10.69 -7.54 -17.55
CA ALA A 52 9.50 -8.11 -18.68
CA ALA A 52 9.80 -8.02 -18.62
C ALA A 52 8.48 -7.02 -19.01
C ALA A 52 8.77 -6.94 -19.00
N LEU A 53 7.90 -6.39 -17.98
N LEU A 53 8.11 -6.36 -18.00
CA LEU A 53 6.96 -5.31 -18.24
CA LEU A 53 7.12 -5.31 -18.28
C LEU A 53 7.66 -4.15 -18.94
C LEU A 53 7.76 -4.16 -19.07
N ASN A 54 8.85 -3.79 -18.49
N ASN A 54 8.93 -3.74 -18.60
CA ASN A 54 9.54 -2.67 -19.12
CA ASN A 54 9.70 -2.65 -19.24
C ASN A 54 9.89 -2.97 -20.57
C ASN A 54 10.07 -3.01 -20.68
N LYS A 55 10.39 -4.18 -20.84
N LYS A 55 10.52 -4.25 -20.91
CA LYS A 55 10.68 -4.58 -22.21
CA LYS A 55 10.85 -4.68 -22.28
C LYS A 55 9.45 -4.42 -23.10
C LYS A 55 9.62 -4.53 -23.18
N ALA A 56 8.29 -4.83 -22.60
N ALA A 56 8.44 -4.87 -22.65
CA ALA A 56 7.06 -4.76 -23.39
CA ALA A 56 7.17 -4.76 -23.39
C ALA A 56 6.63 -3.32 -23.71
C ALA A 56 6.82 -3.32 -23.80
N THR A 57 7.08 -2.31 -22.95
CA THR A 57 6.86 -0.88 -23.24
C THR A 57 7.96 -0.27 -24.10
N ASN A 58 8.89 -1.08 -24.61
CA ASN A 58 9.97 -0.57 -25.45
C ASN A 58 10.85 0.41 -24.65
N ASN A 59 10.97 0.18 -23.34
CA ASN A 59 11.80 0.97 -22.42
C ASN A 59 11.13 2.30 -22.02
N ALA A 60 9.91 2.58 -22.47
CA ALA A 60 9.25 3.82 -22.04
C ALA A 60 8.99 3.83 -20.54
N MET A 61 8.67 2.68 -19.96
CA MET A 61 8.51 2.61 -18.51
C MET A 61 9.79 3.05 -17.79
N GLN A 62 10.95 2.59 -18.26
CA GLN A 62 12.21 2.98 -17.63
C GLN A 62 12.46 4.48 -17.76
N VAL A 63 12.21 5.04 -18.95
CA VAL A 63 12.41 6.47 -19.17
C VAL A 63 11.55 7.29 -18.19
N GLU A 64 10.28 6.92 -18.09
CA GLU A 64 9.38 7.62 -17.17
C GLU A 64 9.84 7.45 -15.73
N SER A 65 10.30 6.24 -15.39
CA SER A 65 10.73 5.93 -14.03
C SER A 65 11.97 6.73 -13.64
N ASP A 66 12.92 6.88 -14.57
CA ASP A 66 14.13 7.64 -14.27
C ASP A 66 13.80 9.09 -13.97
N ASP A 67 12.86 9.68 -14.71
CA ASP A 67 12.42 11.03 -14.41
C ASP A 67 11.74 11.09 -13.05
N TYR A 68 10.92 10.09 -12.72
CA TYR A 68 10.26 10.05 -11.40
C TYR A 68 11.30 10.05 -10.28
N ILE A 69 12.33 9.19 -10.40
CA ILE A 69 13.33 9.10 -9.34
C ILE A 69 14.16 10.37 -9.25
N ALA A 70 14.48 10.96 -10.40
CA ALA A 70 15.27 12.19 -10.37
C ALA A 70 14.52 13.30 -9.63
N THR A 71 13.20 13.31 -9.71
CA THR A 71 12.40 14.33 -9.04
C THR A 71 12.13 13.98 -7.58
N ASN A 72 11.83 12.72 -7.29
CA ASN A 72 11.26 12.32 -6.01
C ASN A 72 12.17 11.49 -5.13
N GLY A 73 13.27 10.97 -5.66
CA GLY A 73 14.08 10.02 -4.93
C GLY A 73 13.44 8.65 -4.85
N PRO A 74 14.16 7.72 -4.22
CA PRO A 74 13.72 6.32 -4.19
C PRO A 74 12.45 6.12 -3.39
N LEU A 75 11.74 5.06 -3.74
CA LEU A 75 10.62 4.59 -2.94
C LEU A 75 11.15 3.96 -1.65
N LYS A 76 10.20 3.66 -0.75
CA LYS A 76 10.43 2.86 0.44
C LYS A 76 10.14 1.39 0.13
N VAL A 77 10.90 0.47 0.75
CA VAL A 77 10.47 -0.92 0.73
C VAL A 77 9.13 -1.01 1.44
N GLY A 78 8.14 -1.63 0.77
CA GLY A 78 6.77 -1.66 1.22
C GLY A 78 5.93 -0.55 0.61
N GLY A 79 6.55 0.39 -0.12
CA GLY A 79 5.84 1.50 -0.70
C GLY A 79 5.54 1.30 -2.17
N SER A 80 4.98 2.35 -2.77
CA SER A 80 4.52 2.29 -4.14
C SER A 80 4.44 3.68 -4.74
N CYS A 81 4.34 3.71 -6.06
CA CYS A 81 3.92 4.92 -6.76
C CYS A 81 3.09 4.52 -7.96
N VAL A 82 2.22 5.42 -8.40
CA VAL A 82 1.40 5.23 -9.60
C VAL A 82 2.04 5.99 -10.74
N LEU A 83 2.35 5.28 -11.83
CA LEU A 83 2.86 5.88 -13.05
C LEU A 83 2.01 5.38 -14.21
N SER A 84 2.39 5.79 -15.43
CA SER A 84 1.65 5.36 -16.61
C SER A 84 1.71 3.85 -16.80
N GLY A 85 0.63 3.29 -17.34
CA GLY A 85 0.62 1.93 -17.80
C GLY A 85 1.08 1.75 -19.22
N HIS A 86 1.44 2.84 -19.90
CA HIS A 86 1.96 2.80 -21.27
C HIS A 86 0.99 2.01 -22.14
N ASN A 87 1.47 1.06 -22.92
CA ASN A 87 0.67 0.26 -23.83
C ASN A 87 0.06 -0.96 -23.14
N LEU A 88 0.23 -1.10 -21.83
CA LEU A 88 -0.19 -2.29 -21.12
C LEU A 88 -1.45 -2.11 -20.27
N ALA A 89 -1.73 -0.89 -19.83
CA ALA A 89 -2.76 -0.65 -18.83
C ALA A 89 -2.91 0.85 -18.76
N LYS A 90 -3.95 1.27 -18.10
N LYS A 90 -3.98 1.34 -18.08
CA LYS A 90 -4.08 2.68 -17.89
CA LYS A 90 -4.10 2.78 -17.87
C LYS A 90 -2.98 3.22 -16.98
C LYS A 90 -2.99 3.26 -16.95
N HIS A 91 -2.80 2.57 -15.84
CA HIS A 91 -1.80 2.91 -14.84
C HIS A 91 -0.96 1.69 -14.51
N CYS A 92 0.28 1.94 -14.09
CA CYS A 92 1.11 0.93 -13.46
C CYS A 92 1.35 1.33 -12.01
N LEU A 93 0.94 0.47 -11.09
CA LEU A 93 1.25 0.61 -9.67
C LEU A 93 2.57 -0.11 -9.41
N HIS A 94 3.64 0.66 -9.22
CA HIS A 94 4.95 0.09 -8.92
C HIS A 94 5.00 -0.15 -7.43
N VAL A 95 5.06 -1.42 -7.01
CA VAL A 95 5.03 -1.79 -5.60
C VAL A 95 6.34 -2.47 -5.25
N VAL A 96 6.97 -2.05 -4.16
CA VAL A 96 8.24 -2.59 -3.70
C VAL A 96 7.97 -3.60 -2.58
N GLY A 97 7.99 -4.88 -2.90
CA GLY A 97 8.01 -5.91 -1.90
C GLY A 97 9.45 -6.07 -1.38
N PRO A 98 9.62 -6.64 -0.16
N PRO A 98 9.61 -6.50 -0.15
CA PRO A 98 10.98 -6.92 0.34
CA PRO A 98 10.97 -6.73 0.34
C PRO A 98 11.70 -7.94 -0.54
C PRO A 98 11.64 -7.84 -0.49
N ASN A 99 12.98 -7.72 -0.73
N ASN A 99 12.90 -7.64 -0.81
CA ASN A 99 13.84 -8.65 -1.46
CA ASN A 99 13.70 -8.59 -1.59
C ASN A 99 14.64 -9.45 -0.43
C ASN A 99 14.62 -9.41 -0.67
N VAL A 100 14.30 -10.73 -0.28
N VAL A 100 14.26 -10.69 -0.45
CA VAL A 100 15.00 -11.58 0.67
CA VAL A 100 14.98 -11.59 0.45
C VAL A 100 16.48 -11.68 0.31
C VAL A 100 16.43 -11.79 0.01
N ASN A 101 16.80 -11.66 -0.97
N ASN A 101 16.72 -11.66 -1.28
CA ASN A 101 18.20 -11.71 -1.40
CA ASN A 101 18.08 -11.91 -1.78
C ASN A 101 18.95 -10.40 -1.11
C ASN A 101 19.05 -10.77 -1.46
N LYS A 102 18.29 -9.40 -0.52
N LYS A 102 18.54 -9.64 -0.96
CA LYS A 102 18.94 -8.23 0.04
CA LYS A 102 19.31 -8.59 -0.29
C LYS A 102 18.81 -8.17 1.56
C LYS A 102 19.12 -8.65 1.22
N GLY A 103 18.20 -9.17 2.19
N GLY A 103 18.46 -9.70 1.72
CA GLY A 103 18.07 -9.18 3.64
CA GLY A 103 18.19 -9.84 3.15
C GLY A 103 16.95 -8.33 4.19
C GLY A 103 17.17 -8.84 3.68
N GLU A 104 15.96 -7.99 3.39
N GLU A 104 16.26 -8.36 2.83
CA GLU A 104 14.89 -7.09 3.81
CA GLU A 104 15.24 -7.39 3.26
C GLU A 104 13.79 -7.84 4.56
C GLU A 104 14.18 -8.04 4.13
N ASP A 105 13.18 -7.14 5.52
N ASP A 105 13.45 -7.24 4.92
CA ASP A 105 12.30 -7.78 6.50
CA ASP A 105 12.59 -7.83 5.95
C ASP A 105 11.03 -8.26 5.82
C ASP A 105 11.26 -8.30 5.35
N ILE A 106 10.75 -9.56 5.95
N ILE A 106 11.01 -9.62 5.45
CA ILE A 106 9.60 -10.14 5.26
CA ILE A 106 9.83 -10.24 4.85
C ILE A 106 8.29 -9.58 5.77
C ILE A 106 8.51 -9.75 5.47
N GLN A 107 8.27 -9.07 7.01
N GLN A 107 8.53 -9.20 6.69
CA GLN A 107 7.05 -8.46 7.53
CA GLN A 107 7.32 -8.69 7.35
C GLN A 107 6.60 -7.30 6.64
C GLN A 107 6.77 -7.44 6.66
N LEU A 108 7.54 -6.68 5.92
N LEU A 108 7.58 -6.74 5.87
CA LEU A 108 7.17 -5.58 5.01
CA LEU A 108 7.11 -5.61 5.07
C LEU A 108 6.33 -6.05 3.83
C LEU A 108 6.23 -6.05 3.91
N LEU A 109 6.17 -7.37 3.63
CA LEU A 109 5.31 -7.85 2.55
C LEU A 109 3.86 -7.42 2.76
N LYS A 110 3.39 -7.44 4.00
CA LYS A 110 2.01 -6.99 4.26
C LYS A 110 1.83 -5.52 3.89
N SER A 111 2.78 -4.68 4.31
CA SER A 111 2.73 -3.26 3.94
C SER A 111 2.70 -3.08 2.43
N ALA A 112 3.49 -3.88 1.71
CA ALA A 112 3.52 -3.80 0.26
C ALA A 112 2.14 -4.10 -0.34
N TYR A 113 1.50 -5.18 0.13
CA TYR A 113 0.18 -5.54 -0.38
C TYR A 113 -0.88 -4.51 0.00
N GLU A 114 -0.70 -3.78 1.11
CA GLU A 114 -1.70 -2.77 1.48
C GLU A 114 -1.87 -1.73 0.39
N ASN A 115 -0.84 -1.49 -0.42
CA ASN A 115 -0.98 -0.53 -1.51
C ASN A 115 -2.08 -0.93 -2.47
N PHE A 116 -2.33 -2.24 -2.62
CA PHE A 116 -3.35 -2.68 -3.56
C PHE A 116 -4.75 -2.18 -3.17
N ASN A 117 -4.97 -1.92 -1.88
CA ASN A 117 -6.29 -1.54 -1.39
C ASN A 117 -6.71 -0.15 -1.85
N GLN A 118 -5.79 0.62 -2.43
CA GLN A 118 -6.10 1.93 -2.98
C GLN A 118 -6.67 1.84 -4.38
N HIS A 119 -6.87 0.63 -4.91
CA HIS A 119 -7.35 0.41 -6.29
C HIS A 119 -8.42 -0.67 -6.27
N GLU A 120 -9.56 -0.39 -6.91
CA GLU A 120 -10.71 -1.29 -6.81
C GLU A 120 -10.44 -2.63 -7.47
N VAL A 121 -9.69 -2.63 -8.57
CA VAL A 121 -9.39 -3.83 -9.35
C VAL A 121 -7.95 -3.72 -9.86
N LEU A 122 -7.19 -4.82 -9.78
CA LEU A 122 -5.80 -4.83 -10.23
C LEU A 122 -5.45 -6.18 -10.84
N LEU A 123 -4.58 -6.13 -11.84
CA LEU A 123 -3.84 -7.27 -12.35
C LEU A 123 -2.45 -7.24 -11.72
N ALA A 124 -2.01 -8.35 -11.12
CA ALA A 124 -0.75 -8.28 -10.37
C ALA A 124 0.00 -9.61 -10.33
N PRO A 125 1.30 -9.56 -10.04
N PRO A 125 1.33 -9.57 -10.17
CA PRO A 125 2.07 -10.76 -9.68
CA PRO A 125 2.10 -10.79 -9.92
C PRO A 125 2.08 -10.92 -8.16
C PRO A 125 2.12 -11.01 -8.40
N LEU A 126 2.55 -12.09 -7.72
N LEU A 126 2.66 -12.15 -7.97
CA LEU A 126 2.80 -12.31 -6.30
CA LEU A 126 2.84 -12.32 -6.52
C LEU A 126 4.01 -11.49 -5.88
C LEU A 126 3.98 -11.41 -6.05
N LEU A 127 3.79 -10.58 -4.94
N LEU A 127 3.71 -10.62 -5.02
CA LEU A 127 4.85 -9.72 -4.47
CA LEU A 127 4.73 -9.71 -4.49
C LEU A 127 5.92 -10.54 -3.80
C LEU A 127 5.86 -10.52 -3.81
N SER A 128 7.11 -10.09 -4.02
CA SER A 128 8.32 -10.68 -3.43
C SER A 128 8.66 -12.09 -3.95
N ALA A 129 7.88 -12.67 -4.82
N ALA A 129 7.98 -12.51 -5.03
CA ALA A 129 8.18 -14.00 -5.37
CA ALA A 129 8.25 -13.80 -5.65
C ALA A 129 9.27 -13.89 -6.43
C ALA A 129 9.28 -13.64 -6.77
N GLY A 130 9.55 -15.00 -7.09
N GLY A 130 9.42 -14.66 -7.60
CA GLY A 130 10.56 -14.99 -8.14
CA GLY A 130 10.40 -14.59 -8.67
C GLY A 130 11.91 -14.56 -7.61
C GLY A 130 11.76 -14.29 -8.07
N ILE A 131 12.58 -13.67 -8.35
N ILE A 131 12.45 -13.26 -8.59
CA ILE A 131 13.93 -13.25 -8.01
CA ILE A 131 13.82 -12.97 -8.15
C ILE A 131 14.00 -12.41 -6.75
C ILE A 131 13.88 -12.16 -6.85
N PHE A 132 12.86 -12.01 -6.16
N PHE A 132 12.74 -11.96 -6.18
CA PHE A 132 12.88 -11.36 -4.87
CA PHE A 132 12.73 -11.35 -4.84
C PHE A 132 13.06 -12.33 -3.70
C PHE A 132 12.83 -12.39 -3.73
N GLY A 133 12.95 -13.64 -3.93
N GLY A 133 12.92 -13.68 -4.06
CA GLY A 133 13.44 -14.62 -2.98
CA GLY A 133 13.23 -14.74 -3.12
C GLY A 133 12.49 -15.12 -1.93
C GLY A 133 12.21 -15.09 -2.05
N ALA A 134 11.27 -14.59 -1.83
N ALA A 134 11.04 -14.46 -1.98
CA ALA A 134 10.35 -15.07 -0.81
CA ALA A 134 10.13 -14.90 -0.93
C ALA A 134 9.64 -16.34 -1.26
C ALA A 134 9.41 -16.18 -1.37
N ASP A 135 9.02 -17.01 -0.30
N ASP A 135 8.93 -16.93 -0.38
CA ASP A 135 8.21 -18.18 -0.59
CA ASP A 135 8.18 -18.15 -0.70
C ASP A 135 6.90 -17.72 -1.23
C ASP A 135 6.84 -17.77 -1.32
N PRO A 136 6.59 -18.14 -2.47
N PRO A 136 6.56 -18.16 -2.57
CA PRO A 136 5.35 -17.68 -3.10
CA PRO A 136 5.29 -17.75 -3.22
C PRO A 136 4.08 -18.17 -2.41
C PRO A 136 4.05 -18.13 -2.43
N ILE A 137 4.12 -19.33 -1.74
N ILE A 137 4.05 -19.32 -1.83
CA ILE A 137 2.98 -19.76 -0.95
CA ILE A 137 2.91 -19.76 -1.01
C ILE A 137 2.66 -18.74 0.11
C ILE A 137 2.63 -18.76 0.12
N HIS A 138 3.70 -18.24 0.74
CA HIS A 138 3.53 -17.23 1.77
C HIS A 138 3.02 -15.93 1.17
N SER A 139 3.55 -15.54 0.02
CA SER A 139 3.08 -14.32 -0.62
C SER A 139 1.59 -14.38 -0.93
N LEU A 140 1.11 -15.52 -1.43
CA LEU A 140 -0.31 -15.65 -1.71
C LEU A 140 -1.13 -15.56 -0.43
N ARG A 141 -0.65 -16.16 0.66
CA ARG A 141 -1.36 -16.08 1.94
C ARG A 141 -1.46 -14.63 2.41
N VAL A 142 -0.35 -13.89 2.37
CA VAL A 142 -0.39 -12.48 2.78
C VAL A 142 -1.32 -11.69 1.86
N CYS A 143 -1.28 -11.96 0.57
CA CYS A 143 -2.18 -11.28 -0.37
C CYS A 143 -3.64 -11.49 0.06
N VAL A 144 -4.03 -12.74 0.26
CA VAL A 144 -5.43 -13.04 0.59
C VAL A 144 -5.82 -12.40 1.91
N ASP A 145 -4.90 -12.35 2.87
CA ASP A 145 -5.20 -11.82 4.20
C ASP A 145 -5.01 -10.31 4.31
N THR A 146 -4.61 -9.64 3.24
CA THR A 146 -4.34 -8.20 3.28
C THR A 146 -5.15 -7.42 2.27
N VAL A 147 -5.23 -7.91 1.03
CA VAL A 147 -5.92 -7.20 -0.02
C VAL A 147 -7.41 -7.46 0.10
N ARG A 148 -8.19 -6.38 0.11
CA ARG A 148 -9.64 -6.43 0.16
C ARG A 148 -10.30 -6.05 -1.14
N THR A 149 -9.56 -5.39 -2.04
CA THR A 149 -10.05 -5.05 -3.36
C THR A 149 -9.86 -6.26 -4.27
N ASN A 150 -10.33 -6.14 -5.50
CA ASN A 150 -10.38 -7.30 -6.39
C ASN A 150 -9.07 -7.46 -7.13
N VAL A 151 -8.36 -8.55 -6.85
CA VAL A 151 -7.03 -8.76 -7.40
C VAL A 151 -7.01 -10.02 -8.23
N TYR A 152 -6.47 -9.88 -9.45
CA TYR A 152 -6.31 -10.93 -10.44
C TYR A 152 -4.81 -11.22 -10.52
N LEU A 153 -4.39 -12.35 -9.95
CA LEU A 153 -2.98 -12.71 -9.88
C LEU A 153 -2.59 -13.55 -11.09
N ALA A 154 -1.46 -13.21 -11.68
N ALA A 154 -1.56 -13.10 -11.83
CA ALA A 154 -0.88 -13.95 -12.79
CA ALA A 154 -1.03 -13.87 -12.97
C ALA A 154 0.40 -14.61 -12.29
C ALA A 154 0.22 -14.60 -12.54
N VAL A 155 0.46 -15.93 -12.42
N VAL A 155 0.27 -15.92 -12.78
CA VAL A 155 1.62 -16.73 -12.01
CA VAL A 155 1.43 -16.76 -12.45
C VAL A 155 2.20 -17.33 -13.28
C VAL A 155 1.92 -17.41 -13.73
N PHE A 156 3.45 -16.94 -13.58
N PHE A 156 3.18 -17.14 -14.10
CA PHE A 156 4.08 -17.35 -14.83
CA PHE A 156 3.78 -17.67 -15.33
C PHE A 156 4.32 -18.85 -14.88
C PHE A 156 4.22 -19.12 -15.18
N ASP A 157 4.85 -19.42 -13.80
N ASP A 157 4.91 -19.48 -14.08
CA ASP A 157 5.31 -20.80 -13.81
CA ASP A 157 5.37 -20.85 -13.84
C ASP A 157 4.13 -21.74 -13.58
C ASP A 157 4.16 -21.77 -13.62
N LYS A 158 3.90 -22.67 -14.50
N LYS A 158 3.98 -22.77 -14.50
CA LYS A 158 2.78 -23.60 -14.37
CA LYS A 158 2.83 -23.67 -14.37
C LYS A 158 2.96 -24.50 -13.15
C LYS A 158 2.96 -24.54 -13.13
N ASN A 159 4.17 -25.04 -12.97
N ASN A 159 4.14 -25.13 -12.90
CA ASN A 159 4.43 -25.87 -11.80
CA ASN A 159 4.30 -25.94 -11.70
C ASN A 159 4.08 -25.13 -10.52
C ASN A 159 3.99 -25.11 -10.47
N LEU A 160 4.38 -23.83 -10.48
CA LEU A 160 4.15 -23.04 -9.29
C LEU A 160 2.67 -22.75 -9.14
N TYR A 161 2.03 -22.45 -10.24
N TYR A 161 2.01 -22.33 -10.25
CA TYR A 161 0.61 -22.23 -10.14
CA TYR A 161 0.55 -22.08 -10.26
C TYR A 161 -0.10 -23.45 -9.56
C TYR A 161 -0.19 -23.29 -9.70
N ASP A 162 0.25 -24.64 -10.03
N ASP A 162 0.17 -24.49 -10.14
CA ASP A 162 -0.42 -25.85 -9.52
CA ASP A 162 -0.45 -25.72 -9.63
C ASP A 162 -0.14 -26.05 -8.03
C ASP A 162 -0.26 -25.85 -8.12
N LYS A 163 1.09 -25.78 -7.60
N LYS A 163 0.97 -25.61 -7.65
CA LYS A 163 1.42 -25.94 -6.19
CA LYS A 163 1.23 -25.71 -6.21
C LYS A 163 0.67 -24.92 -5.34
C LYS A 163 0.40 -24.67 -5.44
N LEU A 164 0.53 -23.69 -5.83
N LEU A 164 0.39 -23.43 -5.93
CA LEU A 164 -0.19 -22.65 -5.08
CA LEU A 164 -0.34 -22.34 -5.29
C LEU A 164 -1.66 -23.03 -4.91
C LEU A 164 -1.82 -22.69 -5.09
N VAL A 165 -2.28 -23.52 -5.98
N VAL A 165 -2.48 -23.17 -6.15
CA VAL A 165 -3.68 -23.92 -5.90
CA VAL A 165 -3.91 -23.49 -6.08
C VAL A 165 -3.83 -25.12 -4.98
C VAL A 165 -4.14 -24.75 -5.25
N SER A 166 -3.00 -26.15 -5.17
N SER A 166 -3.39 -25.82 -5.56
CA SER A 166 -3.19 -27.39 -4.44
CA SER A 166 -3.63 -27.11 -4.91
C SER A 166 -2.94 -27.24 -2.95
C SER A 166 -3.38 -27.08 -3.39
N SER A 167 -2.11 -26.27 -2.56
N SER A 167 -2.49 -26.20 -2.91
CA SER A 167 -1.82 -26.03 -1.17
CA SER A 167 -2.09 -26.18 -1.50
C SER A 167 -2.67 -24.88 -0.61
C SER A 167 -2.76 -25.05 -0.71
N PHE A 168 -3.62 -24.30 -1.37
CA PHE A 168 -4.30 -23.13 -0.83
C PHE A 168 -5.33 -23.54 0.21
N LEU A 169 -5.31 -22.88 1.36
CA LEU A 169 -6.24 -23.19 2.43
C LEU A 169 -7.38 -22.20 2.40
N SER B 1 20.02 17.22 18.89
CA SER B 1 18.59 17.61 18.81
C SER B 1 17.63 16.49 19.18
N MET B 2 16.48 16.90 19.72
N MET B 2 16.54 16.92 19.82
CA MET B 2 15.43 15.99 20.15
CA MET B 2 15.50 16.04 20.35
C MET B 2 14.31 16.01 19.13
C MET B 2 14.31 16.02 19.37
N VAL B 3 14.06 14.85 18.50
N VAL B 3 14.09 14.88 18.72
CA VAL B 3 12.90 14.64 17.66
CA VAL B 3 12.93 14.65 17.84
C VAL B 3 12.24 13.36 18.15
C VAL B 3 12.21 13.40 18.33
N ASN B 4 10.94 13.26 17.92
CA ASN B 4 10.15 12.10 18.32
C ASN B 4 10.29 11.80 19.82
N SER B 5 10.20 12.87 20.64
CA SER B 5 10.35 12.73 22.08
C SER B 5 8.94 12.72 22.70
N PHE B 6 8.30 11.56 22.59
CA PHE B 6 6.95 11.37 23.09
C PHE B 6 7.01 11.03 24.57
N SER B 7 6.22 11.71 25.36
N SER B 7 6.20 11.73 25.37
CA SER B 7 6.25 11.49 26.80
CA SER B 7 6.12 11.52 26.82
C SER B 7 4.84 11.54 27.35
C SER B 7 4.70 11.62 27.36
N GLY B 8 4.59 10.72 28.37
N GLY B 8 4.43 10.80 28.39
CA GLY B 8 3.30 10.72 29.03
CA GLY B 8 3.14 10.76 29.07
C GLY B 8 2.20 9.93 28.34
C GLY B 8 2.12 9.92 28.33
N TYR B 9 2.56 9.04 27.42
CA TYR B 9 1.63 8.18 26.70
C TYR B 9 1.38 6.89 27.46
N LEU B 10 0.15 6.44 27.34
CA LEU B 10 -0.29 5.16 27.87
C LEU B 10 -0.21 4.13 26.75
N LYS B 11 0.43 3.00 27.06
N LYS B 11 0.48 3.02 27.02
CA LYS B 11 0.61 1.92 26.11
CA LYS B 11 0.64 1.95 26.05
C LYS B 11 -0.68 1.13 26.01
C LYS B 11 -0.63 1.12 25.99
N LEU B 12 -1.23 1.00 24.81
CA LEU B 12 -2.40 0.15 24.55
C LEU B 12 -1.99 -1.19 23.97
N THR B 13 -1.07 -1.17 23.01
CA THR B 13 -0.52 -2.38 22.41
C THR B 13 0.97 -2.15 22.24
N ASP B 14 1.66 -3.14 21.66
CA ASP B 14 3.10 -3.00 21.49
C ASP B 14 3.45 -1.82 20.59
N ASN B 15 2.53 -1.33 19.76
CA ASN B 15 2.83 -0.23 18.84
C ASN B 15 1.86 0.94 18.89
N VAL B 16 0.82 0.91 19.73
CA VAL B 16 -0.17 1.98 19.78
C VAL B 16 -0.17 2.57 21.18
N TYR B 17 -0.02 3.89 21.25
CA TYR B 17 0.09 4.64 22.49
C TYR B 17 -0.93 5.77 22.44
N ILE B 18 -1.38 6.25 23.60
CA ILE B 18 -2.43 7.25 23.63
C ILE B 18 -2.20 8.24 24.76
N LYS B 19 -2.58 9.49 24.53
CA LYS B 19 -2.40 10.57 25.49
C LYS B 19 -3.55 11.55 25.38
N ASN B 20 -3.96 12.11 26.52
CA ASN B 20 -4.91 13.21 26.55
C ASN B 20 -4.10 14.49 26.31
N ALA B 21 -4.20 15.05 25.10
CA ALA B 21 -3.33 16.14 24.68
C ALA B 21 -3.95 16.84 23.47
N ASP B 22 -3.60 18.13 23.34
CA ASP B 22 -3.84 18.94 22.16
C ASP B 22 -2.75 18.63 21.15
N ILE B 23 -3.14 18.11 19.97
CA ILE B 23 -2.16 17.60 19.00
C ILE B 23 -1.21 18.69 18.51
N VAL B 24 -1.68 19.93 18.44
CA VAL B 24 -0.78 21.03 18.03
C VAL B 24 0.29 21.25 19.10
N GLU B 25 -0.14 21.35 20.37
CA GLU B 25 0.81 21.50 21.47
C GLU B 25 1.75 20.32 21.54
N GLU B 26 1.22 19.12 21.31
CA GLU B 26 2.05 17.92 21.31
C GLU B 26 3.09 17.97 20.19
N ALA B 27 2.65 18.35 18.98
CA ALA B 27 3.59 18.41 17.86
C ALA B 27 4.73 19.37 18.17
N LYS B 28 4.42 20.52 18.75
CA LYS B 28 5.46 21.52 19.01
C LYS B 28 6.45 21.03 20.06
N LYS B 29 5.99 20.21 20.97
N LYS B 29 5.97 20.22 21.03
CA LYS B 29 6.86 19.71 22.02
CA LYS B 29 6.81 19.66 22.10
C LYS B 29 7.63 18.46 21.60
C LYS B 29 7.62 18.45 21.61
N VAL B 30 6.94 17.48 20.99
CA VAL B 30 7.53 16.20 20.61
C VAL B 30 8.50 16.34 19.45
N LYS B 31 8.29 17.33 18.56
N LYS B 31 8.27 17.27 18.59
CA LYS B 31 9.01 17.49 17.31
CA LYS B 31 9.07 17.45 17.39
C LYS B 31 9.02 16.18 16.50
C LYS B 31 9.03 16.15 16.57
N PRO B 32 7.84 15.71 16.12
CA PRO B 32 7.76 14.43 15.40
C PRO B 32 8.24 14.54 13.97
N THR B 33 8.74 13.43 13.44
CA THR B 33 9.00 13.34 12.02
C THR B 33 7.72 13.49 11.22
N VAL B 34 6.62 12.90 11.70
CA VAL B 34 5.35 12.90 10.96
C VAL B 34 4.23 13.26 11.93
N VAL B 35 3.44 14.26 11.57
CA VAL B 35 2.14 14.49 12.18
C VAL B 35 1.08 14.17 11.14
N VAL B 36 0.04 13.45 11.56
CA VAL B 36 -1.07 13.10 10.67
C VAL B 36 -2.14 14.17 10.77
N ASN B 37 -2.62 14.60 9.61
CA ASN B 37 -3.80 15.46 9.53
C ASN B 37 -5.02 14.63 9.15
N ALA B 38 -6.12 14.95 9.81
CA ALA B 38 -7.46 14.43 9.49
C ALA B 38 -8.00 15.23 8.30
N ALA B 39 -7.55 14.86 7.11
CA ALA B 39 -7.79 15.61 5.89
C ALA B 39 -9.06 15.18 5.18
N ASN B 40 -9.46 16.00 4.21
CA ASN B 40 -10.49 15.65 3.23
C ASN B 40 -9.85 15.65 1.83
N VAL B 41 -10.60 15.18 0.85
CA VAL B 41 -9.98 14.87 -0.45
C VAL B 41 -9.45 16.11 -1.16
N TYR B 42 -10.02 17.28 -0.89
CA TYR B 42 -9.53 18.52 -1.51
C TYR B 42 -8.61 19.30 -0.58
N LEU B 43 -8.20 18.71 0.54
CA LEU B 43 -7.24 19.33 1.45
C LEU B 43 -7.70 20.73 1.85
N LYS B 44 -8.99 20.88 2.15
CA LYS B 44 -9.57 22.12 2.64
C LYS B 44 -9.64 22.01 4.16
N HIS B 45 -8.74 22.71 4.83
CA HIS B 45 -8.49 22.48 6.25
C HIS B 45 -9.34 23.43 7.10
N GLY B 46 -10.63 23.15 7.11
CA GLY B 46 -11.56 24.07 7.76
C GLY B 46 -11.78 23.93 9.25
N GLY B 47 -11.99 22.69 9.70
CA GLY B 47 -12.51 22.46 11.05
C GLY B 47 -11.73 21.37 11.75
N GLY B 48 -12.05 21.15 13.03
CA GLY B 48 -11.44 20.06 13.77
C GLY B 48 -9.94 20.10 13.72
N VAL B 49 -9.34 18.92 13.59
CA VAL B 49 -7.89 18.80 13.60
C VAL B 49 -7.27 19.60 12.47
N ALA B 50 -7.82 19.46 11.24
CA ALA B 50 -7.19 20.13 10.11
C ALA B 50 -7.21 21.64 10.28
N GLY B 51 -8.31 22.19 10.76
CA GLY B 51 -8.36 23.63 11.00
C GLY B 51 -7.32 24.07 12.01
N ALA B 52 -7.15 23.29 13.08
CA ALA B 52 -6.18 23.62 14.11
C ALA B 52 -4.75 23.54 13.59
N LEU B 53 -4.42 22.46 12.86
CA LEU B 53 -3.07 22.35 12.32
C LEU B 53 -2.79 23.51 11.36
N ASN B 54 -3.73 23.78 10.46
CA ASN B 54 -3.49 24.85 9.50
C ASN B 54 -3.33 26.19 10.19
N LYS B 55 -4.17 26.49 11.18
CA LYS B 55 -4.03 27.73 11.92
C LYS B 55 -2.66 27.85 12.56
N ALA B 56 -2.13 26.75 13.12
CA ALA B 56 -0.82 26.80 13.75
C ALA B 56 0.26 27.16 12.74
N THR B 57 0.08 26.79 11.47
CA THR B 57 1.02 27.13 10.40
C THR B 57 0.77 28.51 9.81
N ASN B 58 -0.15 29.28 10.38
CA ASN B 58 -0.47 30.61 9.84
C ASN B 58 -0.90 30.51 8.38
N ASN B 59 -1.67 29.46 8.06
CA ASN B 59 -2.28 29.21 6.75
C ASN B 59 -1.28 28.72 5.71
N ALA B 60 -0.02 28.51 6.06
CA ALA B 60 0.95 28.02 5.08
C ALA B 60 0.58 26.61 4.61
N MET B 61 0.00 25.80 5.48
CA MET B 61 -0.45 24.47 5.10
C MET B 61 -1.52 24.56 4.02
N GLN B 62 -2.48 25.50 4.16
CA GLN B 62 -3.54 25.62 3.17
C GLN B 62 -3.00 26.09 1.82
N VAL B 63 -2.08 27.05 1.82
CA VAL B 63 -1.51 27.52 0.56
C VAL B 63 -0.80 26.38 -0.15
N GLU B 64 0.02 25.63 0.59
CA GLU B 64 0.75 24.50 0.03
C GLU B 64 -0.22 23.44 -0.48
N SER B 65 -1.30 23.21 0.28
CA SER B 65 -2.29 22.21 -0.10
C SER B 65 -3.02 22.58 -1.39
N ASP B 66 -3.41 23.85 -1.52
CA ASP B 66 -4.10 24.27 -2.74
C ASP B 66 -3.22 24.09 -3.97
N ASP B 67 -1.92 24.38 -3.84
CA ASP B 67 -1.00 24.15 -4.93
C ASP B 67 -0.88 22.66 -5.25
N TYR B 68 -0.80 21.80 -4.22
CA TYR B 68 -0.79 20.36 -4.43
C TYR B 68 -2.00 19.92 -5.24
N ILE B 69 -3.19 20.41 -4.87
CA ILE B 69 -4.42 20.02 -5.57
C ILE B 69 -4.41 20.51 -7.01
N ALA B 70 -3.93 21.73 -7.24
CA ALA B 70 -3.86 22.23 -8.62
C ALA B 70 -3.03 21.30 -9.49
N THR B 71 -1.93 20.77 -8.96
CA THR B 71 -1.03 19.91 -9.72
C THR B 71 -1.54 18.48 -9.82
N ASN B 72 -2.16 17.96 -8.76
CA ASN B 72 -2.43 16.53 -8.63
C ASN B 72 -3.90 16.14 -8.59
N GLY B 73 -4.82 17.09 -8.37
CA GLY B 73 -6.19 16.73 -8.17
C GLY B 73 -6.44 16.17 -6.79
N PRO B 74 -7.69 15.88 -6.49
CA PRO B 74 -8.06 15.44 -5.14
C PRO B 74 -7.56 14.04 -4.83
N LEU B 75 -7.39 13.80 -3.54
CA LEU B 75 -7.08 12.48 -3.03
C LEU B 75 -8.33 11.59 -3.14
N LYS B 76 -8.13 10.28 -2.92
CA LYS B 76 -9.19 9.30 -2.72
C LYS B 76 -9.52 9.21 -1.23
N VAL B 77 -10.80 9.00 -0.89
CA VAL B 77 -11.14 8.58 0.48
C VAL B 77 -10.39 7.29 0.77
N GLY B 78 -9.67 7.24 1.89
CA GLY B 78 -8.79 6.14 2.23
C GLY B 78 -7.34 6.38 1.84
N GLY B 79 -7.07 7.44 1.09
CA GLY B 79 -5.73 7.75 0.62
C GLY B 79 -5.03 8.81 1.45
N SER B 80 -3.82 9.17 1.00
CA SER B 80 -3.01 10.14 1.71
C SER B 80 -2.01 10.80 0.78
N CYS B 81 -1.43 11.89 1.27
CA CYS B 81 -0.24 12.46 0.65
C CYS B 81 0.66 13.03 1.75
N VAL B 82 1.94 13.09 1.44
CA VAL B 82 2.95 13.67 2.33
C VAL B 82 3.27 15.08 1.86
N LEU B 83 3.10 16.06 2.75
CA LEU B 83 3.46 17.44 2.50
C LEU B 83 4.34 17.92 3.66
N SER B 84 4.72 19.20 3.63
CA SER B 84 5.55 19.73 4.70
C SER B 84 4.81 19.72 6.04
N GLY B 85 5.56 19.56 7.12
CA GLY B 85 5.05 19.74 8.47
C GLY B 85 5.20 21.14 9.02
N HIS B 86 5.79 22.09 8.28
CA HIS B 86 5.82 23.50 8.68
C HIS B 86 6.44 23.63 10.08
N ASN B 87 5.78 24.28 11.02
CA ASN B 87 6.27 24.47 12.38
C ASN B 87 5.83 23.35 13.31
N LEU B 88 5.26 22.27 12.77
CA LEU B 88 4.69 21.18 13.56
C LEU B 88 5.50 19.90 13.52
N ALA B 89 6.15 19.62 12.40
CA ALA B 89 6.75 18.31 12.17
C ALA B 89 7.63 18.43 10.94
N LYS B 90 8.47 17.42 10.72
CA LYS B 90 9.17 17.39 9.45
C LYS B 90 8.19 17.28 8.30
N HIS B 91 7.24 16.35 8.42
CA HIS B 91 6.24 16.08 7.39
C HIS B 91 4.86 16.07 8.01
N CYS B 92 3.86 16.45 7.21
CA CYS B 92 2.47 16.18 7.53
C CYS B 92 1.94 15.13 6.56
N LEU B 93 1.45 14.03 7.11
CA LEU B 93 0.76 12.99 6.34
C LEU B 93 -0.73 13.31 6.38
N HIS B 94 -1.25 13.81 5.27
CA HIS B 94 -2.67 14.13 5.14
C HIS B 94 -3.41 12.85 4.79
N VAL B 95 -4.23 12.33 5.69
CA VAL B 95 -4.92 11.06 5.49
C VAL B 95 -6.42 11.32 5.48
N VAL B 96 -7.10 10.78 4.49
CA VAL B 96 -8.54 10.97 4.34
C VAL B 96 -9.26 9.74 4.88
N GLY B 97 -9.84 9.85 6.06
CA GLY B 97 -10.74 8.85 6.56
C GLY B 97 -12.13 9.12 6.04
N PRO B 98 -13.00 8.10 6.03
CA PRO B 98 -14.40 8.32 5.64
C PRO B 98 -15.11 9.25 6.61
N ASN B 99 -15.89 10.17 6.06
CA ASN B 99 -16.70 11.10 6.84
C ASN B 99 -18.13 10.56 6.88
N VAL B 100 -18.50 9.89 8.00
CA VAL B 100 -19.83 9.32 8.17
C VAL B 100 -20.90 10.42 8.16
N ASN B 101 -20.56 11.64 8.61
CA ASN B 101 -21.52 12.75 8.55
C ASN B 101 -21.81 13.17 7.12
N LYS B 102 -21.05 12.67 6.13
N LYS B 102 -21.04 12.70 6.15
CA LYS B 102 -21.31 12.91 4.72
CA LYS B 102 -21.28 12.96 4.74
C LYS B 102 -21.70 11.65 3.99
C LYS B 102 -21.73 11.69 3.99
N GLY B 103 -22.05 10.63 4.74
CA GLY B 103 -22.53 9.38 4.21
C GLY B 103 -21.47 8.46 3.61
N GLU B 104 -20.19 8.64 3.97
CA GLU B 104 -19.13 7.86 3.35
C GLU B 104 -18.98 6.54 4.10
N ASP B 105 -18.54 5.52 3.38
CA ASP B 105 -18.54 4.17 3.93
C ASP B 105 -17.46 4.02 5.00
N ILE B 106 -17.90 3.78 6.24
CA ILE B 106 -17.02 3.54 7.39
C ILE B 106 -16.05 2.40 7.09
N GLN B 107 -16.41 1.51 6.17
CA GLN B 107 -15.53 0.40 5.82
C GLN B 107 -14.17 0.87 5.28
N LEU B 108 -14.09 2.10 4.76
CA LEU B 108 -12.83 2.63 4.20
C LEU B 108 -11.85 3.08 5.26
N LEU B 109 -12.23 2.99 6.52
CA LEU B 109 -11.36 3.41 7.61
C LEU B 109 -10.12 2.54 7.70
N LYS B 110 -10.24 1.24 7.41
CA LYS B 110 -9.05 0.40 7.45
C LYS B 110 -8.03 0.84 6.40
N SER B 111 -8.48 1.07 5.16
CA SER B 111 -7.59 1.57 4.12
C SER B 111 -6.91 2.86 4.56
N ALA B 112 -7.66 3.75 5.19
CA ALA B 112 -7.09 5.02 5.65
C ALA B 112 -5.96 4.77 6.64
N TYR B 113 -6.18 3.89 7.62
CA TYR B 113 -5.14 3.60 8.60
C TYR B 113 -3.93 2.91 7.99
N GLU B 114 -4.11 2.14 6.90
CA GLU B 114 -2.97 1.47 6.29
C GLU B 114 -1.90 2.46 5.85
N ASN B 115 -2.29 3.70 5.55
CA ASN B 115 -1.29 4.70 5.18
C ASN B 115 -0.25 4.88 6.28
N PHE B 116 -0.66 4.70 7.55
CA PHE B 116 0.27 4.91 8.65
C PHE B 116 1.44 3.93 8.59
N ASN B 117 1.24 2.75 7.99
CA ASN B 117 2.28 1.72 7.96
C ASN B 117 3.47 2.11 7.09
N GLN B 118 3.36 3.17 6.30
CA GLN B 118 4.48 3.67 5.51
C GLN B 118 5.43 4.56 6.29
N HIS B 119 5.19 4.74 7.60
CA HIS B 119 5.99 5.63 8.45
C HIS B 119 6.31 4.91 9.75
N GLU B 120 7.57 4.92 10.16
CA GLU B 120 7.96 4.12 11.32
C GLU B 120 7.35 4.65 12.62
N VAL B 121 7.17 5.96 12.73
CA VAL B 121 6.58 6.58 13.92
C VAL B 121 5.79 7.82 13.51
N LEU B 122 4.60 7.98 14.11
CA LEU B 122 3.69 9.09 13.78
C LEU B 122 3.01 9.60 15.04
N LEU B 123 2.78 10.92 15.06
CA LEU B 123 1.83 11.56 15.97
C LEU B 123 0.52 11.73 15.20
N ALA B 124 -0.60 11.27 15.77
CA ALA B 124 -1.82 11.21 14.97
C ALA B 124 -3.07 11.44 15.81
N PRO B 125 -4.15 11.90 15.17
CA PRO B 125 -5.48 11.84 15.75
C PRO B 125 -6.15 10.52 15.34
N LEU B 126 -7.26 10.21 16.00
CA LEU B 126 -8.09 9.10 15.58
C LEU B 126 -8.82 9.45 14.30
N LEU B 127 -8.63 8.65 13.27
CA LEU B 127 -9.20 8.95 11.98
C LEU B 127 -10.72 8.77 12.02
N SER B 128 -11.41 9.61 11.27
CA SER B 128 -12.85 9.62 11.11
C SER B 128 -13.58 9.96 12.40
N ALA B 129 -12.86 10.34 13.48
CA ALA B 129 -13.48 10.76 14.73
C ALA B 129 -13.97 12.19 14.63
N GLY B 130 -14.68 12.61 15.69
CA GLY B 130 -15.01 14.01 15.85
C GLY B 130 -15.95 14.47 14.77
N ILE B 131 -15.57 15.54 14.06
CA ILE B 131 -16.45 16.10 13.05
C ILE B 131 -16.65 15.17 11.86
N PHE B 132 -15.86 14.10 11.75
CA PHE B 132 -16.07 13.10 10.70
C PHE B 132 -17.13 12.05 11.08
N GLY B 133 -17.57 12.01 12.35
CA GLY B 133 -18.79 11.29 12.72
C GLY B 133 -18.68 9.82 13.05
N ALA B 134 -17.52 9.19 12.94
CA ALA B 134 -17.41 7.78 13.32
C ALA B 134 -17.32 7.64 14.83
N ASP B 135 -17.65 6.44 15.30
CA ASP B 135 -17.49 6.11 16.72
C ASP B 135 -16.00 6.08 17.03
N PRO B 136 -15.49 6.94 17.92
CA PRO B 136 -14.05 6.91 18.19
C PRO B 136 -13.58 5.59 18.77
N ILE B 137 -14.46 4.86 19.47
CA ILE B 137 -14.09 3.53 19.97
C ILE B 137 -13.78 2.60 18.81
N HIS B 138 -14.60 2.67 17.77
CA HIS B 138 -14.34 1.88 16.57
C HIS B 138 -13.08 2.34 15.85
N SER B 139 -12.82 3.65 15.80
CA SER B 139 -11.61 4.12 15.15
C SER B 139 -10.38 3.59 15.86
N LEU B 140 -10.40 3.58 17.19
CA LEU B 140 -9.28 3.03 17.93
C LEU B 140 -9.12 1.55 17.65
N ARG B 141 -10.23 0.81 17.58
CA ARG B 141 -10.22 -0.61 17.22
C ARG B 141 -9.53 -0.83 15.88
N VAL B 142 -9.96 -0.10 14.86
CA VAL B 142 -9.36 -0.27 13.55
C VAL B 142 -7.90 0.11 13.57
N CYS B 143 -7.56 1.18 14.29
CA CYS B 143 -6.16 1.59 14.40
C CYS B 143 -5.32 0.45 14.94
N VAL B 144 -5.74 -0.11 16.07
CA VAL B 144 -4.96 -1.18 16.69
C VAL B 144 -4.86 -2.40 15.80
N ASP B 145 -5.90 -2.69 15.05
CA ASP B 145 -5.96 -3.89 14.24
C ASP B 145 -5.32 -3.70 12.86
N THR B 146 -4.90 -2.47 12.52
CA THR B 146 -4.37 -2.18 11.19
C THR B 146 -2.96 -1.62 11.22
N VAL B 147 -2.67 -0.71 12.14
CA VAL B 147 -1.37 -0.05 12.17
C VAL B 147 -0.39 -0.96 12.90
N ARG B 148 0.78 -1.16 12.29
CA ARG B 148 1.85 -1.96 12.87
C ARG B 148 3.07 -1.13 13.23
N THR B 149 3.18 0.08 12.68
CA THR B 149 4.25 1.01 13.03
C THR B 149 3.84 1.74 14.31
N ASN B 150 4.73 2.58 14.83
CA ASN B 150 4.51 3.16 16.15
C ASN B 150 3.65 4.42 16.03
N VAL B 151 2.45 4.37 16.57
CA VAL B 151 1.52 5.49 16.47
C VAL B 151 1.18 6.00 17.86
N TYR B 152 1.35 7.31 18.01
CA TYR B 152 1.10 8.06 19.24
C TYR B 152 -0.15 8.91 19.01
N LEU B 153 -1.26 8.50 19.62
CA LEU B 153 -2.56 9.13 19.42
C LEU B 153 -2.78 10.23 20.45
N ALA B 154 -3.19 11.40 19.98
CA ALA B 154 -3.54 12.53 20.83
C ALA B 154 -5.05 12.69 20.82
N VAL B 155 -5.63 12.68 22.03
CA VAL B 155 -7.07 12.84 22.21
C VAL B 155 -7.27 14.09 23.07
N PHE B 156 -7.94 15.09 22.50
CA PHE B 156 -8.07 16.39 23.17
C PHE B 156 -8.93 16.34 24.44
N ASP B 157 -10.10 15.76 24.36
CA ASP B 157 -11.04 15.79 25.47
C ASP B 157 -10.73 14.68 26.49
N LYS B 158 -10.39 15.07 27.73
CA LYS B 158 -10.14 14.09 28.81
C LYS B 158 -11.26 13.07 28.92
N ASN B 159 -12.52 13.50 28.76
CA ASN B 159 -13.64 12.58 28.95
C ASN B 159 -13.71 11.56 27.82
N LEU B 160 -13.32 11.94 26.59
CA LEU B 160 -13.27 10.96 25.52
C LEU B 160 -12.07 10.04 25.71
N TYR B 161 -10.93 10.62 26.11
CA TYR B 161 -9.75 9.82 26.43
C TYR B 161 -10.11 8.73 27.43
N ASP B 162 -10.79 9.11 28.52
CA ASP B 162 -11.14 8.13 29.55
C ASP B 162 -12.07 7.05 28.99
N LYS B 163 -13.04 7.44 28.15
CA LYS B 163 -13.94 6.47 27.54
C LYS B 163 -13.17 5.49 26.64
N LEU B 164 -12.19 6.00 25.90
CA LEU B 164 -11.41 5.15 25.00
C LEU B 164 -10.53 4.19 25.79
N VAL B 165 -9.82 4.70 26.80
CA VAL B 165 -8.91 3.86 27.59
C VAL B 165 -9.69 2.86 28.43
N SER B 166 -10.75 3.34 29.08
CA SER B 166 -11.48 2.51 30.03
C SER B 166 -12.19 1.35 29.33
N SER B 167 -12.61 1.55 28.08
CA SER B 167 -13.31 0.52 27.32
C SER B 167 -12.39 -0.32 26.43
N PHE B 168 -11.10 0.01 26.33
CA PHE B 168 -10.25 -0.70 25.38
C PHE B 168 -10.04 -2.15 25.84
N LEU B 169 -9.98 -2.36 27.14
CA LEU B 169 -9.73 -3.66 27.73
C LEU B 169 -10.38 -3.81 29.10
C10 WXD C . 9.31 -12.91 -17.45
C13 WXD C . 7.67 -13.95 -20.76
C15 WXD C . 9.32 -12.25 -21.23
C20 WXD C . 11.76 -13.18 -22.80
C21 WXD C . 8.34 -13.00 -16.43
C01 WXD C . 5.85 -11.69 -18.11
C02 WXD C . 5.91 -13.08 -17.47
C03 WXD C . 6.92 -13.10 -16.33
C04 WXD C . 6.60 -13.15 -14.98
C06 WXD C . 8.79 -13.02 -15.15
C08 WXD C . 10.97 -12.87 -15.85
C12 WXD C . 8.35 -14.22 -19.39
C14 WXD C . 8.65 -13.46 -21.70
C16 WXD C . 9.96 -12.43 -19.84
N05 WXD C . 7.73 -13.11 -14.29
N07 WXD C . 10.12 -12.95 -14.86
N09 WXD C . 10.58 -12.85 -17.12
N11 WXD C . 8.93 -12.91 -18.83
O18 WXD C . 10.18 -11.14 -23.61
O19 WXD C . 11.47 -10.68 -21.80
S17 WXD C . 10.69 -11.78 -22.39
H132 WXD C . 6.87 -13.22 -20.64
H131 WXD C . 7.27 -14.88 -21.12
H151 WXD C . 8.59 -11.45 -21.16
H203 WXD C . 11.82 -13.85 -21.95
H201 WXD C . 12.74 -12.80 -23.03
H202 WXD C . 11.35 -13.69 -23.65
H012 WXD C . 5.85 -10.92 -17.33
H011 WXD C . 4.94 -11.60 -18.70
H013 WXD C . 6.71 -11.54 -18.75
H022 WXD C . 6.10 -13.81 -18.21
H021 WXD C . 4.94 -13.29 -17.04
H041 WXD C . 5.60 -13.21 -14.55
H081 WXD C . 12.02 -12.82 -15.63
H122 WXD C . 7.66 -14.69 -18.70
H121 WXD C . 9.15 -14.93 -19.54
H141 WXD C . 9.40 -14.24 -21.84
H142 WXD C . 8.17 -13.26 -22.64
H162 WXD C . 10.74 -13.17 -19.91
H161 WXD C . 10.38 -11.49 -19.49
H051 WXD C . 7.81 -13.14 -13.30
C10 WXA D . 8.27 -15.12 -11.94
C11 WXA D . 9.72 -15.16 -11.36
C12 WXA D . 9.90 -14.35 -10.17
C13 WXA D . 8.89 -13.27 -10.12
C15 WXA D . 10.36 -12.07 -7.92
C18 WXA D . 8.56 -12.77 -11.51
C01 WXA D . 10.86 -12.68 -15.79
C02 WXA D . 9.90 -13.19 -14.70
C03 WXA D . 8.43 -13.10 -15.14
C04 WXA D . 8.10 -12.82 -16.46
C06 WXA D . 6.20 -13.01 -15.33
C07 WXA D . 7.19 -13.22 -14.41
C08 WXA D . 6.70 -13.48 -13.09
C20 WXA D . 4.50 -13.30 -13.76
N05 WXA D . 6.78 -12.78 -16.54
N09 WXA D . 7.57 -13.75 -11.98
N19 WXA D . 5.40 -13.51 -12.83
N21 WXA D . 4.87 -13.05 -15.00
O16 WXA D . 10.37 -10.97 -10.38
O17 WXA D . 8.41 -10.72 -9.23
S14 WXA D . 9.50 -11.67 -9.44
H101 WXA D . 8.34 -15.41 -12.97
H102 WXA D . 7.66 -15.84 -11.41
H111 WXA D . 10.42 -14.84 -12.14
H112 WXA D . 9.93 -16.19 -11.11
H121 WXA D . 10.89 -13.93 -10.16
H122 WXA D . 9.76 -15.00 -9.29
H131 WXA D . 7.99 -13.62 -9.61
H151 WXA D . 10.81 -11.17 -7.56
H153 WXA D . 9.64 -12.45 -7.22
H152 WXA D . 11.11 -12.83 -8.13
H182 WXA D . 9.44 -12.77 -12.13
H181 WXA D . 8.13 -11.78 -11.45
H012 WXA D . 10.78 -13.31 -16.66
H013 WXA D . 11.88 -12.69 -15.42
H011 WXA D . 10.59 -11.65 -16.05
H022 WXA D . 10.08 -12.51 -13.88
H021 WXA D . 10.17 -14.19 -14.41
H041 WXA D . 8.81 -12.67 -17.28
H201 WXA D . 3.45 -13.32 -13.49
H051 WXA D . 6.27 -12.61 -17.35
#